data_1V1A
#
_entry.id   1V1A
#
_cell.length_a   84.321
_cell.length_b   84.321
_cell.length_c   168.701
_cell.angle_alpha   90.00
_cell.angle_beta   90.00
_cell.angle_gamma   120.00
#
_symmetry.space_group_name_H-M   'P 63'
#
loop_
_entity.id
_entity.type
_entity.pdbx_description
1 polymer '2-KETO-3-DEOXYGLUCONATE KINASE'
2 non-polymer 2-KETO-3-DEOXYGLUCONATE
3 non-polymer "ADENOSINE-5'-DIPHOSPHATE"
4 water water
#
_entity_poly.entity_id   1
_entity_poly.type   'polypeptide(L)'
_entity_poly.pdbx_seq_one_letter_code
;MLEVVTAGEPLVALVPQEPGHLRGKRLLEVYVGGAEVNVAVALARLGVKVGFVGRVGEDELGAMVEERLRAEGVDLTHFR
RAPGFTGLYLREYLPLGQGRVFYYRKGSAGSALAPGAFDPDYLEGVRFLHLSGITPALSPEARAFSLWAMEEAKRRGVRV
SLDVNYRQTLWSPEEARGFLERALPGVDLLFLSEEEAELLFGRVEEALRALSAPEVVLKRGAKGAWAFVDGRRVEGSAFA
VEAVDPVGAGDAFAAGYLAGAVWGLPVEERLRLANLLGASVAASRGDHEGAPYREDLEVLLKATQTFMR
;
_entity_poly.pdbx_strand_id   A,B
#
loop_
_chem_comp.id
_chem_comp.type
_chem_comp.name
_chem_comp.formula
ADP non-polymer ADENOSINE-5'-DIPHOSPHATE 'C10 H15 N5 O10 P2'
KDG non-polymer 2-KETO-3-DEOXYGLUCONATE 'C6 H10 O6'
#
# COMPACT_ATOMS: atom_id res chain seq x y z
N MET A 1 -8.87 1.55 -36.54
CA MET A 1 -7.74 0.64 -36.18
C MET A 1 -6.77 1.34 -35.21
N LEU A 2 -6.28 0.58 -34.24
CA LEU A 2 -5.34 1.13 -33.25
C LEU A 2 -4.02 1.53 -33.89
N GLU A 3 -3.48 2.66 -33.44
CA GLU A 3 -2.23 3.19 -33.96
C GLU A 3 -1.11 2.90 -32.99
N VAL A 4 -1.45 2.72 -31.72
CA VAL A 4 -0.43 2.45 -30.70
C VAL A 4 -0.99 1.45 -29.69
N VAL A 5 -0.13 0.58 -29.17
CA VAL A 5 -0.58 -0.35 -28.14
C VAL A 5 0.48 -0.25 -27.04
N THR A 6 0.04 0.04 -25.82
CA THR A 6 0.95 0.17 -24.72
C THR A 6 0.71 -0.98 -23.76
N ALA A 7 1.71 -1.31 -22.94
CA ALA A 7 1.53 -2.42 -22.01
C ALA A 7 2.54 -2.46 -20.86
N GLY A 8 2.03 -2.76 -19.67
CA GLY A 8 2.88 -2.83 -18.50
C GLY A 8 2.05 -3.00 -17.25
N GLU A 9 2.57 -2.58 -16.11
CA GLU A 9 1.84 -2.69 -14.85
C GLU A 9 1.14 -1.39 -14.45
N PRO A 10 -0.20 -1.43 -14.31
CA PRO A 10 -0.92 -0.21 -13.91
C PRO A 10 -0.59 0.02 -12.43
N LEU A 11 -0.68 1.27 -11.98
CA LEU A 11 -0.36 1.57 -10.59
C LEU A 11 -1.21 2.69 -10.01
N VAL A 12 -1.34 2.71 -8.69
CA VAL A 12 -2.06 3.78 -8.04
C VAL A 12 -1.01 4.55 -7.26
N ALA A 13 -0.93 5.84 -7.51
CA ALA A 13 0.03 6.71 -6.85
C ALA A 13 -0.62 7.48 -5.71
N LEU A 14 0.07 7.56 -4.57
CA LEU A 14 -0.41 8.29 -3.40
C LEU A 14 0.52 9.49 -3.21
N VAL A 15 -0.04 10.70 -3.11
CA VAL A 15 0.79 11.89 -2.99
C VAL A 15 0.40 12.92 -1.93
N PRO A 16 1.38 13.39 -1.13
CA PRO A 16 1.07 14.41 -0.12
C PRO A 16 0.61 15.62 -0.93
N GLN A 17 -0.22 16.46 -0.36
CA GLN A 17 -0.68 17.62 -1.11
C GLN A 17 0.40 18.64 -1.38
N GLU A 18 1.45 18.65 -0.56
CA GLU A 18 2.58 19.57 -0.75
C GLU A 18 3.87 18.92 -0.28
N PRO A 19 5.01 19.55 -0.56
CA PRO A 19 6.30 18.99 -0.14
C PRO A 19 6.45 18.76 1.35
N GLY A 20 7.42 17.92 1.69
CA GLY A 20 7.69 17.60 3.07
C GLY A 20 7.88 16.10 3.22
N HIS A 21 8.24 15.69 4.42
CA HIS A 21 8.44 14.27 4.71
C HIS A 21 7.09 13.62 4.85
N LEU A 22 6.96 12.48 4.21
CA LEU A 22 5.73 11.72 4.25
C LEU A 22 5.29 11.39 5.67
N ARG A 23 6.24 11.04 6.53
CA ARG A 23 5.90 10.65 7.91
C ARG A 23 4.97 11.61 8.62
N GLY A 24 4.98 12.87 8.19
CA GLY A 24 4.14 13.87 8.82
C GLY A 24 2.84 14.15 8.09
N LYS A 25 2.69 13.60 6.89
CA LYS A 25 1.49 13.81 6.09
C LYS A 25 0.29 13.07 6.68
N ARG A 26 -0.87 13.73 6.71
CA ARG A 26 -2.09 13.15 7.27
C ARG A 26 -3.12 12.86 6.17
N LEU A 27 -2.86 13.37 4.98
CA LEU A 27 -3.74 13.20 3.83
C LEU A 27 -2.92 12.81 2.60
N LEU A 28 -3.52 11.99 1.73
CA LEU A 28 -2.83 11.57 0.52
C LEU A 28 -3.72 11.70 -0.68
N GLU A 29 -3.22 12.30 -1.75
CA GLU A 29 -3.99 12.43 -2.98
C GLU A 29 -3.83 11.10 -3.73
N VAL A 30 -4.92 10.64 -4.36
CA VAL A 30 -4.96 9.38 -5.10
C VAL A 30 -4.94 9.62 -6.61
N TYR A 31 -3.98 9.02 -7.30
CA TYR A 31 -3.86 9.16 -8.75
C TYR A 31 -3.64 7.83 -9.48
N VAL A 32 -4.03 7.80 -10.75
CA VAL A 32 -3.88 6.61 -11.58
C VAL A 32 -2.55 6.81 -12.32
N GLY A 33 -1.64 5.87 -12.11
CA GLY A 33 -0.32 5.93 -12.72
C GLY A 33 0.06 4.74 -13.56
N GLY A 34 1.35 4.46 -13.61
CA GLY A 34 1.85 3.37 -14.42
C GLY A 34 2.42 4.04 -15.65
N ALA A 35 3.71 3.81 -15.91
CA ALA A 35 4.40 4.41 -17.03
C ALA A 35 3.66 4.29 -18.36
N GLU A 36 3.31 3.05 -18.72
CA GLU A 36 2.62 2.77 -19.98
C GLU A 36 1.18 3.28 -19.96
N VAL A 37 0.61 3.35 -18.76
CA VAL A 37 -0.75 3.87 -18.59
C VAL A 37 -0.70 5.37 -18.87
N ASN A 38 0.32 6.02 -18.31
CA ASN A 38 0.49 7.45 -18.52
C ASN A 38 0.62 7.71 -20.01
N VAL A 39 1.48 6.94 -20.68
CA VAL A 39 1.69 7.11 -22.12
C VAL A 39 0.36 6.92 -22.86
N ALA A 40 -0.35 5.87 -22.48
CA ALA A 40 -1.62 5.54 -23.10
C ALA A 40 -2.67 6.64 -22.97
N VAL A 41 -2.83 7.22 -21.78
CA VAL A 41 -3.83 8.28 -21.62
C VAL A 41 -3.45 9.46 -22.51
N ALA A 42 -2.21 9.93 -22.35
CA ALA A 42 -1.70 11.06 -23.11
C ALA A 42 -2.10 10.92 -24.56
N LEU A 43 -1.76 9.78 -25.16
CA LEU A 43 -2.11 9.52 -26.57
C LEU A 43 -3.62 9.57 -26.77
N ALA A 44 -4.36 8.95 -25.85
CA ALA A 44 -5.82 8.92 -25.90
C ALA A 44 -6.36 10.35 -25.96
N ARG A 45 -5.77 11.26 -25.18
CA ARG A 45 -6.22 12.63 -25.14
C ARG A 45 -5.82 13.41 -26.39
N LEU A 46 -4.84 12.88 -27.10
CA LEU A 46 -4.33 13.51 -28.31
C LEU A 46 -5.05 13.09 -29.60
N GLY A 47 -5.98 12.14 -29.49
CA GLY A 47 -6.72 11.69 -30.66
C GLY A 47 -6.16 10.44 -31.31
N VAL A 48 -5.02 9.98 -30.79
CA VAL A 48 -4.39 8.78 -31.31
C VAL A 48 -5.12 7.58 -30.72
N LYS A 49 -5.39 6.58 -31.56
CA LYS A 49 -6.09 5.38 -31.12
C LYS A 49 -5.08 4.49 -30.37
N VAL A 50 -5.24 4.36 -29.06
CA VAL A 50 -4.30 3.57 -28.29
C VAL A 50 -4.92 2.47 -27.44
N GLY A 51 -4.19 1.37 -27.33
CA GLY A 51 -4.68 0.26 -26.57
C GLY A 51 -3.71 -0.06 -25.45
N PHE A 52 -4.26 -0.37 -24.28
CA PHE A 52 -3.40 -0.71 -23.15
C PHE A 52 -3.67 -2.16 -22.85
N VAL A 53 -2.61 -2.89 -22.54
CA VAL A 53 -2.73 -4.28 -22.21
C VAL A 53 -2.19 -4.47 -20.79
N GLY A 54 -3.05 -4.93 -19.88
CA GLY A 54 -2.60 -5.14 -18.51
C GLY A 54 -3.63 -5.75 -17.57
N ARG A 55 -3.23 -5.97 -16.32
CA ARG A 55 -4.12 -6.55 -15.32
C ARG A 55 -4.13 -5.82 -13.97
N VAL A 56 -5.33 -5.61 -13.46
CA VAL A 56 -5.53 -4.96 -12.18
C VAL A 56 -6.20 -6.04 -11.34
N GLY A 57 -5.91 -6.08 -10.05
CA GLY A 57 -6.54 -7.08 -9.20
C GLY A 57 -8.04 -6.91 -9.23
N GLU A 58 -8.77 -7.78 -8.53
CA GLU A 58 -10.22 -7.68 -8.48
C GLU A 58 -10.56 -6.96 -7.16
N ASP A 59 -10.23 -5.67 -7.13
CA ASP A 59 -10.46 -4.83 -5.97
C ASP A 59 -10.88 -3.41 -6.36
N GLU A 60 -11.02 -2.54 -5.35
CA GLU A 60 -11.47 -1.18 -5.60
C GLU A 60 -10.54 -0.28 -6.40
N LEU A 61 -9.25 -0.34 -6.14
CA LEU A 61 -8.30 0.48 -6.89
C LEU A 61 -8.21 -0.01 -8.34
N GLY A 62 -8.25 -1.33 -8.53
CA GLY A 62 -8.19 -1.91 -9.87
C GLY A 62 -9.34 -1.34 -10.68
N ALA A 63 -10.50 -1.25 -10.03
CA ALA A 63 -11.69 -0.71 -10.65
C ALA A 63 -11.45 0.77 -11.01
N MET A 64 -10.67 1.45 -10.16
CA MET A 64 -10.34 2.86 -10.36
C MET A 64 -9.41 3.05 -11.55
N VAL A 65 -8.53 2.08 -11.73
CA VAL A 65 -7.60 2.09 -12.86
C VAL A 65 -8.46 1.90 -14.09
N GLU A 66 -9.29 0.86 -14.03
CA GLU A 66 -10.17 0.53 -15.13
C GLU A 66 -11.10 1.70 -15.51
N GLU A 67 -11.66 2.37 -14.51
CA GLU A 67 -12.57 3.48 -14.77
C GLU A 67 -11.86 4.69 -15.36
N ARG A 68 -10.60 4.92 -14.98
CA ARG A 68 -9.88 6.05 -15.57
C ARG A 68 -9.59 5.74 -17.02
N LEU A 69 -9.12 4.51 -17.27
CA LEU A 69 -8.83 4.06 -18.63
C LEU A 69 -10.04 4.26 -19.53
N ARG A 70 -11.19 3.77 -19.07
CA ARG A 70 -12.40 3.90 -19.86
C ARG A 70 -12.74 5.37 -20.05
N ALA A 71 -12.61 6.15 -18.99
CA ALA A 71 -12.92 7.56 -19.08
C ALA A 71 -12.13 8.21 -20.21
N GLU A 72 -10.86 7.87 -20.35
CA GLU A 72 -10.01 8.47 -21.38
C GLU A 72 -10.33 7.95 -22.79
N GLY A 73 -10.57 6.65 -22.89
CA GLY A 73 -10.88 6.08 -24.18
C GLY A 73 -9.83 5.09 -24.63
N VAL A 74 -9.02 4.62 -23.69
CA VAL A 74 -7.97 3.63 -23.96
C VAL A 74 -8.67 2.26 -24.10
N ASP A 75 -8.44 1.60 -25.25
CA ASP A 75 -9.03 0.29 -25.53
C ASP A 75 -8.52 -0.72 -24.53
N LEU A 76 -9.44 -1.36 -23.80
CA LEU A 76 -9.05 -2.33 -22.78
C LEU A 76 -9.33 -3.75 -23.21
N THR A 77 -9.48 -3.94 -24.53
CA THR A 77 -9.77 -5.25 -25.09
C THR A 77 -9.00 -6.33 -24.37
N HIS A 78 -7.70 -6.09 -24.18
CA HIS A 78 -6.82 -7.04 -23.50
C HIS A 78 -6.42 -6.61 -22.09
N PHE A 79 -7.19 -5.68 -21.51
CA PHE A 79 -6.96 -5.22 -20.13
C PHE A 79 -8.16 -5.70 -19.33
N ARG A 80 -7.90 -6.29 -18.17
CA ARG A 80 -9.01 -6.77 -17.37
C ARG A 80 -8.60 -7.12 -15.95
N ARG A 81 -9.58 -7.03 -15.05
CA ARG A 81 -9.41 -7.34 -13.63
C ARG A 81 -9.30 -8.83 -13.46
N ALA A 82 -8.28 -9.26 -12.74
CA ALA A 82 -8.06 -10.67 -12.48
C ALA A 82 -7.71 -10.84 -11.01
N PRO A 83 -8.10 -11.97 -10.41
CA PRO A 83 -7.81 -12.23 -9.00
C PRO A 83 -6.50 -11.59 -8.59
N GLY A 84 -6.42 -11.19 -7.33
CA GLY A 84 -5.21 -10.55 -6.82
C GLY A 84 -5.45 -9.07 -6.57
N PHE A 85 -4.40 -8.36 -6.19
CA PHE A 85 -4.53 -6.95 -5.91
C PHE A 85 -3.85 -6.04 -6.90
N THR A 86 -4.26 -4.78 -6.90
CA THR A 86 -3.67 -3.78 -7.76
C THR A 86 -2.52 -3.17 -6.95
N GLY A 87 -1.36 -3.02 -7.59
CA GLY A 87 -0.21 -2.45 -6.90
C GLY A 87 -0.34 -0.96 -6.72
N LEU A 88 0.29 -0.45 -5.68
CA LEU A 88 0.22 0.99 -5.40
C LEU A 88 1.56 1.47 -4.87
N TYR A 89 1.83 2.76 -5.01
CA TYR A 89 3.09 3.33 -4.52
C TYR A 89 2.91 4.73 -3.96
N LEU A 90 3.66 5.02 -2.90
CA LEU A 90 3.61 6.34 -2.27
C LEU A 90 4.74 7.20 -2.82
N ARG A 91 4.65 8.50 -2.60
CA ARG A 91 5.61 9.46 -3.15
C ARG A 91 5.93 10.59 -2.19
N GLU A 92 7.21 10.82 -1.96
CA GLU A 92 7.67 11.87 -1.05
C GLU A 92 8.51 12.91 -1.82
N TYR A 93 8.14 14.18 -1.77
CA TYR A 93 8.94 15.21 -2.43
C TYR A 93 9.39 16.25 -1.41
N LEU A 94 10.64 16.12 -0.98
CA LEU A 94 11.22 17.00 0.05
C LEU A 94 11.41 18.49 -0.23
N PRO A 95 11.31 19.33 0.83
CA PRO A 95 11.46 20.79 0.76
C PRO A 95 12.57 21.25 -0.16
N LEU A 96 13.73 20.60 -0.08
CA LEU A 96 14.87 20.98 -0.91
C LEU A 96 14.98 20.18 -2.20
N GLY A 97 13.83 19.82 -2.77
CA GLY A 97 13.81 19.10 -4.02
C GLY A 97 13.74 17.58 -3.99
N GLN A 98 14.91 16.93 -3.93
CA GLN A 98 14.98 15.48 -3.95
C GLN A 98 14.03 14.75 -3.00
N GLY A 99 13.31 13.79 -3.56
CA GLY A 99 12.36 13.02 -2.78
C GLY A 99 12.54 11.53 -2.99
N ARG A 100 11.77 10.73 -2.25
CA ARG A 100 11.85 9.27 -2.32
C ARG A 100 10.50 8.59 -2.65
N VAL A 101 10.58 7.34 -3.11
CA VAL A 101 9.38 6.56 -3.47
C VAL A 101 9.32 5.23 -2.72
N PHE A 102 8.10 4.74 -2.48
CA PHE A 102 7.92 3.49 -1.78
C PHE A 102 6.86 2.61 -2.43
N TYR A 103 7.28 1.46 -2.96
CA TYR A 103 6.37 0.52 -3.64
C TYR A 103 5.65 -0.50 -2.74
N TYR A 104 4.47 -0.90 -3.21
CA TYR A 104 3.59 -1.89 -2.59
C TYR A 104 2.95 -2.51 -3.82
N ARG A 105 3.78 -3.26 -4.56
CA ARG A 105 3.33 -3.87 -5.80
C ARG A 105 3.83 -5.30 -6.00
N LYS A 106 4.80 -5.72 -5.19
CA LYS A 106 5.36 -7.06 -5.32
C LYS A 106 4.31 -8.14 -5.08
N GLY A 107 4.06 -8.95 -6.11
CA GLY A 107 3.08 -10.02 -6.02
C GLY A 107 1.71 -9.58 -6.47
N SER A 108 1.65 -8.39 -7.05
CA SER A 108 0.39 -7.83 -7.52
C SER A 108 -0.15 -8.60 -8.71
N ALA A 109 -1.39 -8.27 -9.08
CA ALA A 109 -2.05 -8.91 -10.21
C ALA A 109 -1.45 -8.43 -11.53
N GLY A 110 -0.91 -7.22 -11.53
CA GLY A 110 -0.33 -6.67 -12.74
C GLY A 110 1.06 -7.15 -13.10
N SER A 111 1.87 -7.47 -12.08
CA SER A 111 3.24 -7.92 -12.29
C SER A 111 3.32 -9.38 -12.69
N ALA A 112 2.19 -9.90 -13.16
CA ALA A 112 2.12 -11.28 -13.61
C ALA A 112 2.59 -11.30 -15.05
N LEU A 113 1.97 -10.43 -15.85
CA LEU A 113 2.28 -10.30 -17.28
C LEU A 113 3.36 -11.24 -17.83
N ALA A 114 2.93 -12.33 -18.46
CA ALA A 114 3.85 -13.28 -19.05
C ALA A 114 3.52 -13.44 -20.53
N PRO A 115 4.36 -14.15 -21.29
CA PRO A 115 4.15 -14.36 -22.72
C PRO A 115 2.76 -14.86 -23.10
N GLY A 116 2.25 -14.37 -24.24
CA GLY A 116 0.92 -14.76 -24.68
C GLY A 116 -0.11 -14.12 -23.77
N ALA A 117 0.28 -13.01 -23.15
CA ALA A 117 -0.61 -12.28 -22.24
C ALA A 117 -1.84 -11.84 -23.00
N PHE A 118 -1.67 -11.49 -24.26
CA PHE A 118 -2.77 -11.06 -25.10
C PHE A 118 -2.64 -11.74 -26.45
N ASP A 119 -3.68 -11.66 -27.27
CA ASP A 119 -3.64 -12.27 -28.58
C ASP A 119 -2.88 -11.31 -29.50
N PRO A 120 -1.70 -11.75 -29.98
CA PRO A 120 -0.80 -10.99 -30.88
C PRO A 120 -1.49 -10.34 -32.06
N ASP A 121 -2.46 -11.03 -32.65
CA ASP A 121 -3.18 -10.51 -33.80
C ASP A 121 -3.67 -9.09 -33.52
N TYR A 122 -3.64 -8.73 -32.24
CA TYR A 122 -4.05 -7.41 -31.77
C TYR A 122 -3.18 -6.33 -32.44
N LEU A 123 -1.87 -6.58 -32.43
CA LEU A 123 -0.85 -5.70 -33.00
C LEU A 123 -0.93 -5.49 -34.51
N GLU A 124 -1.83 -6.21 -35.16
CA GLU A 124 -1.94 -6.11 -36.61
C GLU A 124 -2.31 -4.72 -37.13
N GLY A 125 -1.39 -4.12 -37.88
CA GLY A 125 -1.61 -2.81 -38.46
C GLY A 125 -1.31 -1.69 -37.50
N VAL A 126 -0.81 -2.04 -36.32
CA VAL A 126 -0.49 -1.07 -35.29
C VAL A 126 0.87 -0.37 -35.52
N ARG A 127 0.81 0.96 -35.64
CA ARG A 127 2.00 1.77 -35.86
C ARG A 127 3.10 1.50 -34.84
N PHE A 128 2.71 1.46 -33.55
CA PHE A 128 3.72 1.22 -32.53
C PHE A 128 3.31 0.31 -31.40
N LEU A 129 4.33 -0.28 -30.76
CA LEU A 129 4.15 -1.13 -29.60
C LEU A 129 5.04 -0.50 -28.53
N HIS A 130 4.44 0.14 -27.53
CA HIS A 130 5.25 0.77 -26.50
C HIS A 130 5.45 -0.06 -25.23
N LEU A 131 6.68 -0.05 -24.75
CA LEU A 131 7.04 -0.77 -23.54
C LEU A 131 7.92 0.14 -22.72
N SER A 132 8.27 -0.30 -21.53
CA SER A 132 9.11 0.50 -20.66
C SER A 132 10.01 -0.44 -19.87
N GLY A 133 11.23 -0.01 -19.62
CA GLY A 133 12.16 -0.84 -18.89
C GLY A 133 11.67 -1.23 -17.51
N ILE A 134 10.49 -0.73 -17.14
CA ILE A 134 9.94 -1.04 -15.83
C ILE A 134 9.33 -2.44 -15.86
N THR A 135 8.59 -2.70 -16.94
CA THR A 135 7.91 -3.99 -17.11
C THR A 135 8.75 -5.26 -16.88
N PRO A 136 9.86 -5.45 -17.63
CA PRO A 136 10.72 -6.63 -17.49
C PRO A 136 11.46 -6.71 -16.17
N ALA A 137 11.42 -5.63 -15.41
CA ALA A 137 12.09 -5.57 -14.11
C ALA A 137 11.21 -6.13 -13.02
N LEU A 138 9.92 -6.26 -13.31
CA LEU A 138 8.98 -6.75 -12.31
C LEU A 138 9.02 -8.25 -12.01
N SER A 139 9.44 -9.07 -12.97
CA SER A 139 9.53 -10.51 -12.73
C SER A 139 9.97 -11.25 -13.98
N PRO A 140 10.56 -12.44 -13.81
CA PRO A 140 11.02 -13.23 -14.96
C PRO A 140 9.85 -13.47 -15.90
N GLU A 141 8.66 -13.57 -15.32
CA GLU A 141 7.42 -13.77 -16.06
C GLU A 141 7.16 -12.58 -16.96
N ALA A 142 7.34 -11.38 -16.40
CA ALA A 142 7.14 -10.12 -17.12
C ALA A 142 8.31 -9.82 -18.06
N ARG A 143 9.51 -10.18 -17.64
CA ARG A 143 10.70 -9.95 -18.45
C ARG A 143 10.54 -10.66 -19.78
N ALA A 144 10.02 -11.88 -19.73
CA ALA A 144 9.81 -12.68 -20.94
C ALA A 144 8.71 -12.06 -21.80
N PHE A 145 7.64 -11.63 -21.14
CA PHE A 145 6.52 -11.02 -21.84
C PHE A 145 7.05 -9.92 -22.75
N SER A 146 7.86 -9.05 -22.16
CA SER A 146 8.46 -7.94 -22.88
C SER A 146 9.06 -8.45 -24.17
N LEU A 147 9.99 -9.39 -24.05
CA LEU A 147 10.66 -9.97 -25.20
C LEU A 147 9.67 -10.52 -26.23
N TRP A 148 8.78 -11.42 -25.78
CA TRP A 148 7.75 -12.01 -26.64
C TRP A 148 6.95 -10.92 -27.31
N ALA A 149 6.53 -9.95 -26.51
CA ALA A 149 5.74 -8.83 -26.98
C ALA A 149 6.28 -8.17 -28.24
N MET A 150 7.50 -7.65 -28.18
CA MET A 150 8.11 -6.95 -29.32
C MET A 150 8.48 -7.84 -30.49
N GLU A 151 8.78 -9.09 -30.20
CA GLU A 151 9.12 -10.08 -31.22
C GLU A 151 7.85 -10.35 -32.03
N GLU A 152 6.72 -10.23 -31.35
CA GLU A 152 5.41 -10.45 -31.94
C GLU A 152 4.93 -9.23 -32.74
N ALA A 153 5.39 -8.04 -32.34
CA ALA A 153 5.02 -6.81 -33.03
C ALA A 153 5.96 -6.68 -34.22
N LYS A 154 7.23 -7.01 -34.00
CA LYS A 154 8.19 -6.95 -35.07
C LYS A 154 7.70 -7.88 -36.17
N ARG A 155 7.21 -9.04 -35.75
CA ARG A 155 6.70 -10.03 -36.68
C ARG A 155 5.46 -9.50 -37.39
N ARG A 156 4.89 -8.42 -36.88
CA ARG A 156 3.68 -7.85 -37.48
C ARG A 156 3.98 -6.55 -38.22
N GLY A 157 5.26 -6.19 -38.26
CA GLY A 157 5.68 -4.97 -38.93
C GLY A 157 5.36 -3.76 -38.07
N VAL A 158 5.20 -3.98 -36.77
CA VAL A 158 4.89 -2.90 -35.85
C VAL A 158 6.17 -2.36 -35.25
N ARG A 159 6.25 -1.03 -35.15
CA ARG A 159 7.42 -0.36 -34.57
C ARG A 159 7.43 -0.60 -33.06
N VAL A 160 8.60 -0.92 -32.50
CA VAL A 160 8.75 -1.20 -31.07
C VAL A 160 9.43 -0.08 -30.30
N SER A 161 8.66 0.63 -29.48
CA SER A 161 9.22 1.75 -28.71
C SER A 161 9.46 1.37 -27.25
N LEU A 162 10.65 1.69 -26.75
CA LEU A 162 11.00 1.34 -25.39
C LEU A 162 11.63 2.51 -24.65
N ASP A 163 11.18 2.72 -23.41
CA ASP A 163 11.66 3.78 -22.55
C ASP A 163 12.34 3.11 -21.35
N VAL A 164 13.65 3.22 -21.31
CA VAL A 164 14.40 2.61 -20.24
C VAL A 164 13.72 2.70 -18.88
N ASN A 165 13.27 3.88 -18.50
CA ASN A 165 12.63 4.04 -17.21
C ASN A 165 13.24 3.06 -16.23
N TYR A 166 14.53 3.23 -15.96
CA TYR A 166 15.21 2.34 -15.02
C TYR A 166 14.91 2.74 -13.58
N ARG A 167 14.53 1.76 -12.77
CA ARG A 167 14.22 1.98 -11.36
C ARG A 167 15.09 1.07 -10.51
N GLN A 168 16.02 1.67 -9.79
CA GLN A 168 16.94 0.92 -8.93
C GLN A 168 16.27 0.04 -7.89
N THR A 169 15.14 0.48 -7.36
CA THR A 169 14.42 -0.30 -6.36
C THR A 169 14.04 -1.65 -6.92
N LEU A 170 13.81 -1.69 -8.24
CA LEU A 170 13.41 -2.92 -8.92
C LEU A 170 14.54 -3.88 -9.26
N TRP A 171 15.52 -3.42 -10.01
CA TRP A 171 16.66 -4.27 -10.38
C TRP A 171 17.93 -3.45 -10.47
N SER A 172 19.08 -4.14 -10.47
CA SER A 172 20.37 -3.47 -10.53
C SER A 172 20.69 -2.97 -11.93
N PRO A 173 21.66 -2.05 -12.04
CA PRO A 173 22.06 -1.50 -13.34
C PRO A 173 22.43 -2.68 -14.23
N GLU A 174 23.16 -3.63 -13.66
CA GLU A 174 23.59 -4.82 -14.37
C GLU A 174 22.35 -5.55 -14.88
N GLU A 175 21.48 -5.95 -13.96
CA GLU A 175 20.24 -6.66 -14.29
C GLU A 175 19.49 -5.89 -15.38
N ALA A 176 19.67 -4.57 -15.39
CA ALA A 176 19.05 -3.69 -16.37
C ALA A 176 19.82 -3.68 -17.68
N ARG A 177 21.13 -3.46 -17.60
CA ARG A 177 21.99 -3.45 -18.79
C ARG A 177 21.74 -4.74 -19.53
N GLY A 178 21.81 -5.83 -18.78
CA GLY A 178 21.60 -7.15 -19.35
C GLY A 178 20.34 -7.19 -20.18
N PHE A 179 19.22 -6.77 -19.59
CA PHE A 179 17.96 -6.77 -20.32
C PHE A 179 18.03 -5.87 -21.56
N LEU A 180 18.81 -4.82 -21.46
CA LEU A 180 18.96 -3.88 -22.56
C LEU A 180 19.71 -4.45 -23.76
N GLU A 181 20.82 -5.12 -23.50
CA GLU A 181 21.63 -5.71 -24.57
C GLU A 181 20.84 -6.75 -25.38
N ARG A 182 19.98 -7.48 -24.69
CA ARG A 182 19.15 -8.51 -25.29
C ARG A 182 17.88 -7.98 -25.94
N ALA A 183 17.38 -6.87 -25.42
CA ALA A 183 16.16 -6.26 -25.93
C ALA A 183 16.44 -5.43 -27.17
N LEU A 184 17.43 -4.54 -27.04
CA LEU A 184 17.84 -3.60 -28.08
C LEU A 184 17.69 -3.98 -29.56
N PRO A 185 18.05 -5.23 -29.91
CA PRO A 185 17.92 -5.62 -31.32
C PRO A 185 16.49 -5.49 -31.82
N GLY A 186 15.53 -5.62 -30.92
CA GLY A 186 14.13 -5.52 -31.30
C GLY A 186 13.57 -4.12 -31.23
N VAL A 187 14.38 -3.19 -30.72
CA VAL A 187 13.98 -1.79 -30.54
C VAL A 187 14.29 -0.83 -31.69
N ASP A 188 13.26 -0.09 -32.12
CA ASP A 188 13.40 0.89 -33.21
C ASP A 188 13.60 2.29 -32.68
N LEU A 189 12.88 2.61 -31.60
CA LEU A 189 12.96 3.94 -30.97
C LEU A 189 13.28 3.77 -29.50
N LEU A 190 14.25 4.54 -29.01
CA LEU A 190 14.66 4.43 -27.63
C LEU A 190 14.62 5.77 -26.92
N PHE A 191 13.99 5.82 -25.74
CA PHE A 191 13.93 7.07 -24.96
C PHE A 191 14.82 6.86 -23.74
N LEU A 192 15.63 7.86 -23.43
CA LEU A 192 16.52 7.76 -22.29
C LEU A 192 16.70 9.10 -21.60
N SER A 193 16.90 9.09 -20.29
CA SER A 193 17.13 10.33 -19.54
C SER A 193 18.57 10.34 -19.09
N GLU A 194 19.30 11.38 -19.49
CA GLU A 194 20.70 11.51 -19.13
C GLU A 194 21.10 10.74 -17.86
N GLU A 195 20.39 10.97 -16.77
CA GLU A 195 20.68 10.31 -15.49
C GLU A 195 20.88 8.81 -15.66
N GLU A 196 19.82 8.17 -16.12
CA GLU A 196 19.78 6.72 -16.34
C GLU A 196 20.95 6.25 -17.19
N ALA A 197 21.36 7.08 -18.14
CA ALA A 197 22.47 6.76 -19.02
C ALA A 197 23.78 6.78 -18.24
N GLU A 198 23.93 7.76 -17.37
CA GLU A 198 25.14 7.91 -16.55
C GLU A 198 25.14 6.95 -15.38
N LEU A 199 23.95 6.63 -14.90
CA LEU A 199 23.79 5.73 -13.77
C LEU A 199 23.88 4.27 -14.24
N LEU A 200 23.87 4.08 -15.55
CA LEU A 200 23.94 2.74 -16.13
C LEU A 200 25.10 2.58 -17.08
N PHE A 201 25.50 3.66 -17.74
CA PHE A 201 26.60 3.59 -18.69
C PHE A 201 27.68 4.63 -18.46
N GLY A 202 27.97 4.90 -17.19
CA GLY A 202 29.00 5.86 -16.83
C GLY A 202 28.76 7.30 -17.28
N ARG A 203 28.80 7.52 -18.58
CA ARG A 203 28.59 8.84 -19.14
C ARG A 203 27.62 8.71 -20.30
N VAL A 204 26.82 9.74 -20.48
CA VAL A 204 25.83 9.77 -21.54
C VAL A 204 26.36 9.18 -22.85
N GLU A 205 27.46 9.75 -23.33
CA GLU A 205 28.07 9.31 -24.58
C GLU A 205 28.25 7.80 -24.68
N GLU A 206 28.72 7.17 -23.59
CA GLU A 206 28.92 5.74 -23.62
C GLU A 206 27.60 5.04 -23.86
N ALA A 207 26.62 5.35 -23.02
CA ALA A 207 25.29 4.76 -23.14
C ALA A 207 24.80 4.81 -24.58
N LEU A 208 24.99 5.97 -25.21
CA LEU A 208 24.56 6.17 -26.59
C LEU A 208 25.23 5.21 -27.56
N ARG A 209 26.50 4.91 -27.33
CA ARG A 209 27.24 4.00 -28.19
C ARG A 209 26.67 2.59 -28.06
N ALA A 210 26.51 2.14 -26.82
CA ALA A 210 25.96 0.81 -26.54
C ALA A 210 24.54 0.62 -27.08
N LEU A 211 23.66 1.56 -26.77
CA LEU A 211 22.27 1.48 -27.20
C LEU A 211 22.00 2.15 -28.54
N SER A 212 22.76 1.79 -29.57
CA SER A 212 22.58 2.39 -30.89
C SER A 212 21.40 1.81 -31.67
N ALA A 213 20.20 2.26 -31.33
CA ALA A 213 18.98 1.81 -32.01
C ALA A 213 18.73 2.76 -33.16
N PRO A 214 17.94 2.35 -34.16
CA PRO A 214 17.63 3.20 -35.33
C PRO A 214 17.40 4.67 -34.96
N GLU A 215 16.44 4.88 -34.05
CA GLU A 215 16.11 6.22 -33.54
C GLU A 215 16.22 6.18 -32.01
N VAL A 216 16.93 7.15 -31.47
CA VAL A 216 17.14 7.24 -30.05
C VAL A 216 16.91 8.68 -29.61
N VAL A 217 16.22 8.86 -28.49
CA VAL A 217 15.97 10.20 -27.99
C VAL A 217 16.47 10.33 -26.57
N LEU A 218 17.17 11.43 -26.30
CA LEU A 218 17.74 11.66 -25.00
C LEU A 218 17.06 12.81 -24.28
N LYS A 219 16.27 12.48 -23.26
CA LYS A 219 15.59 13.47 -22.46
C LYS A 219 16.68 14.06 -21.56
N ARG A 220 16.90 15.37 -21.67
CA ARG A 220 17.92 16.04 -20.87
C ARG A 220 17.22 16.96 -19.89
N GLY A 221 16.13 16.47 -19.29
CA GLY A 221 15.38 17.28 -18.34
C GLY A 221 14.92 18.55 -19.02
N ALA A 222 14.70 19.60 -18.22
CA ALA A 222 14.25 20.87 -18.78
C ALA A 222 15.33 21.48 -19.67
N LYS A 223 16.50 20.84 -19.72
CA LYS A 223 17.62 21.31 -20.52
C LYS A 223 17.49 20.85 -21.98
N GLY A 224 16.26 20.48 -22.37
CA GLY A 224 16.01 20.05 -23.73
C GLY A 224 15.99 18.54 -23.99
N ALA A 225 16.59 18.14 -25.10
CA ALA A 225 16.68 16.74 -25.51
C ALA A 225 17.19 16.62 -26.96
N TRP A 226 18.03 15.64 -27.22
CA TRP A 226 18.55 15.43 -28.56
C TRP A 226 17.89 14.22 -29.16
N ALA A 227 17.51 14.34 -30.44
CA ALA A 227 16.91 13.22 -31.17
C ALA A 227 17.94 12.79 -32.22
N PHE A 228 18.30 11.51 -32.18
CA PHE A 228 19.29 10.93 -33.09
C PHE A 228 18.69 10.07 -34.20
N VAL A 229 18.37 10.69 -35.34
CA VAL A 229 17.79 9.96 -36.45
C VAL A 229 18.63 10.10 -37.72
N ASP A 230 18.96 8.98 -38.34
CA ASP A 230 19.75 9.01 -39.56
C ASP A 230 20.97 9.90 -39.44
N GLY A 231 21.97 9.41 -38.70
CA GLY A 231 23.22 10.14 -38.50
C GLY A 231 23.08 11.59 -38.09
N ARG A 232 21.87 12.11 -38.19
CA ARG A 232 21.58 13.50 -37.85
C ARG A 232 21.26 13.62 -36.37
N ARG A 233 21.55 14.77 -35.78
CA ARG A 233 21.25 14.96 -34.38
C ARG A 233 20.50 16.25 -34.10
N VAL A 234 19.17 16.18 -34.10
CA VAL A 234 18.35 17.35 -33.83
C VAL A 234 18.26 17.58 -32.32
N GLU A 235 18.43 18.82 -31.92
CA GLU A 235 18.39 19.22 -30.52
C GLU A 235 17.10 20.03 -30.33
N GLY A 236 16.27 19.65 -29.37
CA GLY A 236 15.02 20.35 -29.15
C GLY A 236 14.89 21.15 -27.87
N SER A 237 14.59 22.43 -28.00
CA SER A 237 14.46 23.31 -26.85
C SER A 237 13.31 22.92 -25.95
N ALA A 238 13.51 23.06 -24.65
CA ALA A 238 12.51 22.72 -23.64
C ALA A 238 11.61 23.90 -23.25
N PHE A 239 10.38 23.60 -22.85
CA PHE A 239 9.42 24.62 -22.43
C PHE A 239 9.69 25.03 -20.97
N ALA A 240 9.40 26.29 -20.66
CA ALA A 240 9.64 26.83 -19.33
C ALA A 240 8.42 26.99 -18.43
N VAL A 241 8.49 26.34 -17.28
CA VAL A 241 7.43 26.37 -16.28
C VAL A 241 8.07 25.88 -14.99
N GLU A 242 7.39 26.06 -13.86
CA GLU A 242 7.95 25.63 -12.58
C GLU A 242 7.62 24.17 -12.24
N ALA A 243 8.67 23.41 -11.94
CA ALA A 243 8.56 21.99 -11.62
C ALA A 243 7.58 21.66 -10.50
N VAL A 244 6.33 21.42 -10.85
CA VAL A 244 5.30 21.06 -9.87
C VAL A 244 5.56 19.63 -9.38
N ASP A 245 5.04 18.66 -10.13
CA ASP A 245 5.21 17.23 -9.84
C ASP A 245 5.68 16.63 -11.15
N PRO A 246 6.99 16.40 -11.28
CA PRO A 246 7.67 15.84 -12.45
C PRO A 246 7.49 14.35 -12.68
N VAL A 247 6.91 13.65 -11.72
CA VAL A 247 6.69 12.23 -11.91
C VAL A 247 5.97 12.07 -13.24
N GLY A 248 6.35 11.03 -13.98
CA GLY A 248 5.74 10.77 -15.26
C GLY A 248 5.87 11.84 -16.32
N ALA A 249 6.78 12.78 -16.14
CA ALA A 249 6.95 13.84 -17.14
C ALA A 249 7.57 13.21 -18.39
N GLY A 250 8.29 12.10 -18.19
CA GLY A 250 8.91 11.39 -19.29
C GLY A 250 7.92 10.60 -20.14
N ASP A 251 6.91 10.02 -19.49
CA ASP A 251 5.89 9.27 -20.20
C ASP A 251 5.12 10.21 -21.08
N ALA A 252 4.87 11.42 -20.58
CA ALA A 252 4.15 12.43 -21.35
C ALA A 252 5.01 12.79 -22.55
N PHE A 253 6.32 12.88 -22.29
CA PHE A 253 7.28 13.19 -23.33
C PHE A 253 7.14 12.12 -24.42
N ALA A 254 7.47 10.88 -24.08
CA ALA A 254 7.40 9.74 -25.01
C ALA A 254 6.12 9.73 -25.83
N ALA A 255 4.98 9.91 -25.17
CA ALA A 255 3.68 9.92 -25.84
C ALA A 255 3.55 11.02 -26.90
N GLY A 256 4.09 12.20 -26.61
CA GLY A 256 4.01 13.30 -27.56
C GLY A 256 4.93 13.03 -28.74
N TYR A 257 6.08 12.43 -28.47
CA TYR A 257 7.01 12.10 -29.53
C TYR A 257 6.31 11.10 -30.45
N LEU A 258 5.81 10.03 -29.85
CA LEU A 258 5.12 8.98 -30.58
C LEU A 258 3.96 9.54 -31.40
N ALA A 259 3.15 10.41 -30.81
CA ALA A 259 2.02 10.98 -31.53
C ALA A 259 2.52 11.67 -32.78
N GLY A 260 3.49 12.58 -32.62
CA GLY A 260 4.04 13.28 -33.77
C GLY A 260 4.52 12.30 -34.83
N ALA A 261 5.23 11.27 -34.37
CA ALA A 261 5.75 10.23 -35.24
C ALA A 261 4.55 9.66 -35.98
N VAL A 262 3.66 9.01 -35.22
CA VAL A 262 2.44 8.43 -35.77
C VAL A 262 1.76 9.41 -36.73
N TRP A 263 1.94 10.71 -36.50
CA TRP A 263 1.34 11.72 -37.37
C TRP A 263 2.24 12.08 -38.54
N GLY A 264 3.37 11.38 -38.66
CA GLY A 264 4.31 11.60 -39.76
C GLY A 264 4.91 12.99 -39.88
N LEU A 265 5.37 13.52 -38.76
CA LEU A 265 5.95 14.87 -38.74
C LEU A 265 7.48 14.84 -38.66
N PRO A 266 8.11 16.00 -38.92
CA PRO A 266 9.56 16.13 -38.87
C PRO A 266 10.09 15.85 -37.47
N VAL A 267 11.38 15.57 -37.37
CA VAL A 267 11.98 15.32 -36.07
C VAL A 267 11.87 16.56 -35.19
N GLU A 268 11.93 17.73 -35.81
CA GLU A 268 11.86 19.01 -35.10
C GLU A 268 10.50 19.25 -34.46
N GLU A 269 9.46 18.64 -35.02
CA GLU A 269 8.12 18.81 -34.48
C GLU A 269 7.86 17.77 -33.40
N ARG A 270 8.36 16.56 -33.59
CA ARG A 270 8.17 15.52 -32.58
C ARG A 270 8.82 15.99 -31.28
N LEU A 271 10.01 16.56 -31.38
CA LEU A 271 10.70 17.04 -30.18
C LEU A 271 9.96 18.19 -29.52
N ARG A 272 9.36 19.07 -30.31
CA ARG A 272 8.60 20.20 -29.76
C ARG A 272 7.37 19.63 -29.03
N LEU A 273 6.63 18.79 -29.76
CA LEU A 273 5.43 18.14 -29.25
C LEU A 273 5.80 17.37 -27.98
N ALA A 274 6.84 16.56 -28.07
CA ALA A 274 7.31 15.77 -26.93
C ALA A 274 7.67 16.66 -25.73
N ASN A 275 8.36 17.78 -25.99
CA ASN A 275 8.74 18.72 -24.95
C ASN A 275 7.53 19.42 -24.34
N LEU A 276 6.54 19.74 -25.17
CA LEU A 276 5.34 20.40 -24.69
C LEU A 276 4.55 19.52 -23.72
N LEU A 277 4.31 18.29 -24.14
CA LEU A 277 3.59 17.32 -23.34
C LEU A 277 4.25 17.15 -22.00
N GLY A 278 5.55 16.85 -22.03
CA GLY A 278 6.32 16.65 -20.81
C GLY A 278 6.22 17.78 -19.79
N ALA A 279 6.36 19.01 -20.26
CA ALA A 279 6.30 20.18 -19.41
C ALA A 279 4.90 20.33 -18.81
N SER A 280 3.87 20.13 -19.63
CA SER A 280 2.51 20.27 -19.15
C SER A 280 2.26 19.32 -17.99
N VAL A 281 2.79 18.10 -18.09
CA VAL A 281 2.59 17.17 -17.00
C VAL A 281 3.44 17.58 -15.80
N ALA A 282 4.72 17.85 -16.01
CA ALA A 282 5.57 18.24 -14.88
C ALA A 282 5.02 19.47 -14.14
N ALA A 283 4.18 20.26 -14.82
CA ALA A 283 3.59 21.44 -14.21
C ALA A 283 2.31 21.08 -13.48
N SER A 284 1.97 19.79 -13.52
CA SER A 284 0.75 19.27 -12.91
C SER A 284 1.00 18.18 -11.89
N ARG A 285 0.04 17.99 -10.99
CA ARG A 285 0.12 16.96 -9.96
C ARG A 285 -0.32 15.62 -10.57
N GLY A 286 -0.15 14.55 -9.80
CA GLY A 286 -0.54 13.24 -10.28
C GLY A 286 0.52 12.67 -11.20
N ASP A 287 0.13 11.72 -12.04
CA ASP A 287 1.06 11.08 -12.96
C ASP A 287 0.90 11.50 -14.42
N HIS A 288 -0.31 11.81 -14.84
CA HIS A 288 -0.52 12.26 -16.23
C HIS A 288 -1.67 13.22 -16.25
N GLU A 289 -1.98 13.78 -15.08
CA GLU A 289 -3.10 14.70 -14.99
C GLU A 289 -2.96 15.93 -15.88
N GLY A 290 -1.75 16.46 -16.00
CA GLY A 290 -1.56 17.65 -16.81
C GLY A 290 -1.51 17.45 -18.32
N ALA A 291 -1.50 16.19 -18.77
CA ALA A 291 -1.45 15.88 -20.20
C ALA A 291 -2.50 16.68 -20.96
N PRO A 292 -2.08 17.41 -22.00
CA PRO A 292 -2.99 18.24 -22.80
C PRO A 292 -3.85 17.44 -23.78
N TYR A 293 -4.92 18.08 -24.24
CA TYR A 293 -5.84 17.48 -25.19
C TYR A 293 -5.60 18.04 -26.61
N ARG A 294 -6.04 17.28 -27.60
CA ARG A 294 -5.90 17.68 -28.97
C ARG A 294 -6.23 19.17 -29.10
N GLU A 295 -7.48 19.53 -28.86
CA GLU A 295 -7.95 20.92 -28.96
C GLU A 295 -6.95 21.97 -28.45
N ASP A 296 -6.30 21.67 -27.33
CA ASP A 296 -5.34 22.57 -26.67
C ASP A 296 -4.08 22.88 -27.49
N LEU A 297 -3.50 21.84 -28.08
CA LEU A 297 -2.28 21.96 -28.87
C LEU A 297 -2.31 23.12 -29.85
N GLU A 298 -3.28 23.07 -30.74
CA GLU A 298 -3.48 24.08 -31.76
C GLU A 298 -3.12 25.49 -31.29
N VAL A 299 -3.29 25.76 -30.00
CA VAL A 299 -2.99 27.08 -29.46
C VAL A 299 -1.72 27.18 -28.61
N LEU A 300 -1.42 26.14 -27.84
CA LEU A 300 -0.24 26.16 -26.98
C LEU A 300 1.07 26.40 -27.73
N LEU A 301 1.67 27.57 -27.47
CA LEU A 301 2.93 28.03 -28.07
C LEU A 301 2.68 29.21 -29.04
N LYS A 302 1.79 29.09 -29.91
N MET B 1 8.33 -2.07 36.84
CA MET B 1 7.99 -0.74 36.27
C MET B 1 6.79 -0.83 35.33
N LEU B 2 6.90 -1.71 34.33
CA LEU B 2 5.84 -1.92 33.33
C LEU B 2 4.73 -2.87 33.77
N GLU B 3 3.50 -2.41 33.63
CA GLU B 3 2.32 -3.19 33.99
C GLU B 3 1.84 -4.09 32.85
N VAL B 4 1.73 -3.55 31.65
CA VAL B 4 1.26 -4.32 30.49
C VAL B 4 2.28 -4.36 29.36
N VAL B 5 2.26 -5.44 28.57
CA VAL B 5 3.17 -5.56 27.43
C VAL B 5 2.43 -6.20 26.28
N THR B 6 2.08 -5.42 25.28
CA THR B 6 1.36 -5.94 24.13
C THR B 6 2.35 -6.10 22.95
N ALA B 7 2.04 -6.98 22.00
CA ALA B 7 2.95 -7.20 20.86
C ALA B 7 2.29 -7.68 19.57
N GLY B 8 2.92 -7.33 18.44
CA GLY B 8 2.42 -7.71 17.13
C GLY B 8 2.88 -6.71 16.10
N GLU B 9 2.43 -6.87 14.86
CA GLU B 9 2.78 -5.99 13.75
C GLU B 9 1.93 -4.73 13.60
N PRO B 10 2.58 -3.55 13.62
CA PRO B 10 1.83 -2.29 13.48
C PRO B 10 1.51 -2.05 11.99
N LEU B 11 0.49 -1.23 11.72
CA LEU B 11 0.11 -0.91 10.33
C LEU B 11 -0.27 0.56 10.17
N VAL B 12 -0.17 1.06 8.94
CA VAL B 12 -0.58 2.44 8.68
C VAL B 12 -1.92 2.32 7.95
N ALA B 13 -2.91 3.05 8.44
CA ALA B 13 -4.25 3.00 7.90
C ALA B 13 -4.60 4.13 6.91
N LEU B 14 -5.13 3.75 5.73
CA LEU B 14 -5.55 4.72 4.71
C LEU B 14 -7.08 4.65 4.61
N VAL B 15 -7.75 5.75 4.93
CA VAL B 15 -9.21 5.76 4.94
C VAL B 15 -9.90 6.94 4.26
N PRO B 16 -11.06 6.67 3.62
CA PRO B 16 -11.81 7.74 2.94
C PRO B 16 -12.40 8.72 3.97
N GLN B 17 -12.56 9.96 3.55
CA GLN B 17 -13.09 11.00 4.41
C GLN B 17 -14.58 10.85 4.67
N GLU B 18 -15.25 10.11 3.80
CA GLU B 18 -16.68 9.86 3.97
C GLU B 18 -17.01 8.52 3.35
N PRO B 19 -18.18 7.97 3.65
CA PRO B 19 -18.55 6.68 3.09
C PRO B 19 -18.56 6.71 1.56
N GLY B 20 -18.59 5.54 0.95
CA GLY B 20 -18.59 5.47 -0.50
C GLY B 20 -17.47 4.53 -0.93
N HIS B 21 -17.62 3.95 -2.11
CA HIS B 21 -16.61 3.04 -2.59
C HIS B 21 -15.28 3.73 -2.78
N LEU B 22 -14.24 3.01 -2.41
CA LEU B 22 -12.87 3.48 -2.51
C LEU B 22 -12.53 3.97 -3.92
N ARG B 23 -13.13 3.35 -4.93
CA ARG B 23 -12.86 3.73 -6.32
C ARG B 23 -13.24 5.17 -6.65
N GLY B 24 -14.25 5.69 -5.96
CA GLY B 24 -14.64 7.07 -6.25
C GLY B 24 -13.90 8.09 -5.40
N LYS B 25 -13.08 7.60 -4.46
CA LYS B 25 -12.34 8.49 -3.60
C LYS B 25 -11.10 9.08 -4.28
N ARG B 26 -10.65 10.21 -3.76
CA ARG B 26 -9.49 10.91 -4.30
C ARG B 26 -8.59 11.54 -3.22
N LEU B 27 -8.97 11.33 -1.97
CA LEU B 27 -8.22 11.82 -0.81
C LEU B 27 -8.35 10.79 0.30
N LEU B 28 -7.22 10.39 0.88
CA LEU B 28 -7.27 9.41 1.95
C LEU B 28 -6.61 9.94 3.19
N GLU B 29 -7.20 9.67 4.34
CA GLU B 29 -6.61 10.07 5.60
C GLU B 29 -5.67 8.95 6.03
N VAL B 30 -4.62 9.33 6.75
CA VAL B 30 -3.62 8.38 7.19
C VAL B 30 -3.58 8.33 8.71
N TYR B 31 -3.70 7.12 9.25
CA TYR B 31 -3.68 6.91 10.69
C TYR B 31 -2.79 5.72 10.99
N VAL B 32 -2.37 5.61 12.24
CA VAL B 32 -1.56 4.49 12.67
C VAL B 32 -2.53 3.44 13.20
N GLY B 33 -2.29 2.17 12.83
CA GLY B 33 -3.14 1.08 13.26
C GLY B 33 -2.40 -0.12 13.83
N GLY B 34 -3.11 -1.23 13.98
CA GLY B 34 -2.52 -2.44 14.54
C GLY B 34 -3.17 -2.71 15.88
N ALA B 35 -3.93 -3.79 15.96
CA ALA B 35 -4.63 -4.15 17.18
C ALA B 35 -3.86 -3.90 18.48
N GLU B 36 -2.62 -4.37 18.53
CA GLU B 36 -1.81 -4.18 19.73
C GLU B 36 -1.38 -2.75 19.89
N VAL B 37 -1.06 -2.09 18.78
CA VAL B 37 -0.67 -0.68 18.82
C VAL B 37 -1.82 0.09 19.44
N ASN B 38 -3.01 -0.16 18.92
CA ASN B 38 -4.23 0.49 19.41
C ASN B 38 -4.35 0.25 20.91
N VAL B 39 -4.03 -0.98 21.34
CA VAL B 39 -4.12 -1.34 22.76
C VAL B 39 -3.03 -0.59 23.52
N ALA B 40 -1.81 -0.66 23.00
CA ALA B 40 -0.67 -0.01 23.62
C ALA B 40 -0.93 1.50 23.84
N VAL B 41 -1.43 2.18 22.81
CA VAL B 41 -1.70 3.62 22.94
C VAL B 41 -2.89 3.94 23.88
N ALA B 42 -3.94 3.14 23.82
CA ALA B 42 -5.11 3.36 24.67
C ALA B 42 -4.74 3.21 26.14
N LEU B 43 -3.90 2.21 26.43
CA LEU B 43 -3.46 1.96 27.80
C LEU B 43 -2.66 3.17 28.31
N ALA B 44 -1.69 3.60 27.50
CA ALA B 44 -0.85 4.74 27.84
C ALA B 44 -1.66 6.01 28.08
N ARG B 45 -2.69 6.25 27.27
CA ARG B 45 -3.49 7.45 27.47
C ARG B 45 -4.20 7.37 28.81
N LEU B 46 -4.40 6.14 29.28
CA LEU B 46 -5.08 5.92 30.55
C LEU B 46 -4.16 6.08 31.77
N GLY B 47 -2.87 6.20 31.51
CA GLY B 47 -1.91 6.37 32.59
C GLY B 47 -1.33 5.03 33.00
N VAL B 48 -1.44 4.05 32.12
CA VAL B 48 -0.91 2.72 32.40
C VAL B 48 0.47 2.57 31.77
N LYS B 49 1.41 2.04 32.54
CA LYS B 49 2.77 1.83 32.06
C LYS B 49 2.76 0.65 31.09
N VAL B 50 2.73 0.97 29.80
CA VAL B 50 2.69 -0.05 28.77
C VAL B 50 3.92 -0.01 27.89
N GLY B 51 4.17 -1.15 27.25
CA GLY B 51 5.30 -1.30 26.37
C GLY B 51 4.90 -2.10 25.14
N PHE B 52 5.33 -1.66 23.97
CA PHE B 52 5.00 -2.36 22.74
C PHE B 52 6.19 -3.06 22.13
N VAL B 53 5.96 -4.28 21.66
CA VAL B 53 6.97 -5.12 21.02
C VAL B 53 6.60 -5.42 19.56
N GLY B 54 7.45 -5.01 18.63
CA GLY B 54 7.18 -5.24 17.23
C GLY B 54 8.15 -4.52 16.30
N ARG B 55 8.02 -4.76 14.99
CA ARG B 55 8.89 -4.14 14.01
C ARG B 55 8.12 -3.37 12.93
N VAL B 56 8.71 -2.25 12.49
CA VAL B 56 8.13 -1.45 11.42
C VAL B 56 9.26 -1.44 10.42
N GLY B 57 9.06 -0.81 9.27
CA GLY B 57 10.10 -0.79 8.27
C GLY B 57 11.02 0.42 8.34
N GLU B 58 12.06 0.43 7.51
CA GLU B 58 12.99 1.55 7.47
C GLU B 58 12.49 2.49 6.35
N ASP B 59 11.26 2.95 6.52
CA ASP B 59 10.61 3.84 5.58
C ASP B 59 9.88 4.97 6.32
N GLU B 60 9.20 5.82 5.55
CA GLU B 60 8.49 6.95 6.13
C GLU B 60 7.32 6.52 7.04
N LEU B 61 6.64 5.43 6.69
CA LEU B 61 5.52 4.99 7.51
C LEU B 61 5.94 4.40 8.86
N GLY B 62 7.04 3.65 8.87
CA GLY B 62 7.53 3.08 10.12
C GLY B 62 7.92 4.18 11.09
N ALA B 63 8.36 5.30 10.51
CA ALA B 63 8.75 6.47 11.28
C ALA B 63 7.53 7.16 11.85
N MET B 64 6.40 7.03 11.15
CA MET B 64 5.13 7.62 11.59
C MET B 64 4.65 6.84 12.82
N VAL B 65 4.65 5.52 12.68
CA VAL B 65 4.25 4.60 13.76
C VAL B 65 5.10 4.87 15.01
N GLU B 66 6.42 4.94 14.86
CA GLU B 66 7.27 5.15 16.02
C GLU B 66 6.99 6.45 16.75
N GLU B 67 6.73 7.52 16.02
CA GLU B 67 6.45 8.81 16.65
C GLU B 67 5.15 8.75 17.45
N ARG B 68 4.17 8.01 16.93
CA ARG B 68 2.90 7.87 17.62
C ARG B 68 3.09 7.13 18.94
N LEU B 69 3.82 6.02 18.89
CA LEU B 69 4.08 5.21 20.09
C LEU B 69 4.94 5.99 21.08
N ARG B 70 5.93 6.71 20.54
CA ARG B 70 6.84 7.51 21.36
C ARG B 70 6.18 8.74 21.98
N ALA B 71 5.39 9.46 21.19
CA ALA B 71 4.70 10.64 21.69
C ALA B 71 3.69 10.19 22.74
N GLU B 72 3.07 9.03 22.50
CA GLU B 72 2.07 8.48 23.43
C GLU B 72 2.75 7.92 24.68
N GLY B 73 4.08 7.94 24.67
CA GLY B 73 4.81 7.46 25.82
C GLY B 73 4.65 5.99 26.08
N VAL B 74 4.83 5.19 25.03
CA VAL B 74 4.75 3.74 25.15
C VAL B 74 6.19 3.23 25.11
N ASP B 75 6.51 2.27 25.96
CA ASP B 75 7.86 1.73 26.03
C ASP B 75 8.22 1.08 24.70
N LEU B 76 9.32 1.52 24.10
CA LEU B 76 9.74 0.95 22.83
C LEU B 76 11.09 0.28 23.00
N THR B 77 11.43 -0.04 24.25
CA THR B 77 12.70 -0.70 24.54
C THR B 77 12.92 -1.87 23.59
N HIS B 78 11.86 -2.55 23.20
CA HIS B 78 12.02 -3.67 22.29
C HIS B 78 11.31 -3.50 20.96
N PHE B 79 10.99 -2.25 20.64
CA PHE B 79 10.36 -1.89 19.36
C PHE B 79 11.41 -1.10 18.59
N ARG B 80 11.54 -1.37 17.29
CA ARG B 80 12.52 -0.65 16.49
C ARG B 80 12.31 -0.83 14.99
N ARG B 81 12.77 0.15 14.22
CA ARG B 81 12.66 0.09 12.77
C ARG B 81 13.70 -0.86 12.22
N ALA B 82 13.26 -2.01 11.74
CA ALA B 82 14.17 -2.99 11.18
C ALA B 82 14.12 -2.83 9.68
N PRO B 83 15.21 -3.15 8.97
CA PRO B 83 15.22 -3.03 7.51
C PRO B 83 13.99 -3.64 6.87
N GLY B 84 13.42 -2.94 5.89
CA GLY B 84 12.22 -3.42 5.22
C GLY B 84 11.08 -2.43 5.24
N PHE B 85 9.92 -2.83 4.71
CA PHE B 85 8.77 -1.95 4.65
C PHE B 85 7.72 -2.12 5.73
N THR B 86 7.03 -1.02 6.00
CA THR B 86 5.95 -0.96 7.00
C THR B 86 4.63 -1.30 6.30
N GLY B 87 3.88 -2.25 6.86
CA GLY B 87 2.62 -2.64 6.25
C GLY B 87 1.54 -1.58 6.32
N LEU B 88 0.66 -1.58 5.33
CA LEU B 88 -0.43 -0.63 5.30
C LEU B 88 -1.66 -1.31 4.75
N TYR B 89 -2.82 -0.69 4.95
CA TYR B 89 -4.07 -1.21 4.41
C TYR B 89 -5.01 -0.05 4.07
N LEU B 90 -5.98 -0.35 3.20
CA LEU B 90 -7.00 0.59 2.77
C LEU B 90 -8.38 0.08 3.19
N ARG B 91 -9.16 0.96 3.80
CA ARG B 91 -10.50 0.62 4.27
C ARG B 91 -11.53 1.36 3.42
N GLU B 92 -12.80 1.02 3.59
CA GLU B 92 -13.83 1.64 2.79
C GLU B 92 -15.15 1.32 3.44
N TYR B 93 -15.86 2.34 3.89
CA TYR B 93 -17.15 2.09 4.51
C TYR B 93 -18.29 2.60 3.64
N LEU B 94 -19.13 1.67 3.22
CA LEU B 94 -20.27 1.94 2.34
C LEU B 94 -21.49 2.59 3.02
N PRO B 95 -22.24 3.42 2.26
CA PRO B 95 -23.42 4.14 2.73
C PRO B 95 -24.30 3.37 3.71
N LEU B 96 -24.75 2.18 3.30
CA LEU B 96 -25.61 1.35 4.14
C LEU B 96 -24.92 0.54 5.24
N GLY B 97 -23.60 0.39 5.16
CA GLY B 97 -22.92 -0.35 6.20
C GLY B 97 -21.92 -1.43 5.77
N GLN B 98 -22.06 -1.96 4.56
CA GLN B 98 -21.14 -2.98 4.08
C GLN B 98 -19.71 -2.41 4.02
N GLY B 99 -18.76 -3.14 4.60
CA GLY B 99 -17.38 -2.68 4.61
C GLY B 99 -16.40 -3.79 4.22
N ARG B 100 -15.28 -3.37 3.61
CA ARG B 100 -14.22 -4.27 3.16
C ARG B 100 -12.83 -3.62 3.36
N VAL B 101 -11.83 -4.45 3.65
CA VAL B 101 -10.46 -3.98 3.86
C VAL B 101 -9.45 -4.63 2.92
N PHE B 102 -8.50 -3.84 2.44
CA PHE B 102 -7.48 -4.30 1.52
C PHE B 102 -6.12 -4.23 2.17
N TYR B 103 -5.45 -5.37 2.31
CA TYR B 103 -4.13 -5.40 2.96
C TYR B 103 -2.95 -5.34 1.99
N TYR B 104 -1.87 -4.73 2.48
CA TYR B 104 -0.61 -4.60 1.76
C TYR B 104 0.38 -4.76 2.91
N ARG B 105 0.32 -5.93 3.53
CA ARG B 105 1.14 -6.26 4.69
C ARG B 105 2.06 -7.47 4.53
N LYS B 106 1.73 -8.35 3.58
CA LYS B 106 2.53 -9.55 3.37
C LYS B 106 4.01 -9.27 3.14
N GLY B 107 4.84 -9.65 4.10
CA GLY B 107 6.27 -9.45 3.98
C GLY B 107 6.82 -8.28 4.78
N SER B 108 5.94 -7.44 5.33
CA SER B 108 6.41 -6.31 6.11
C SER B 108 7.44 -6.71 7.14
N ALA B 109 8.21 -5.71 7.58
CA ALA B 109 9.25 -5.89 8.57
C ALA B 109 8.61 -6.29 9.91
N GLY B 110 7.33 -5.93 10.05
CA GLY B 110 6.60 -6.22 11.27
C GLY B 110 6.06 -7.63 11.34
N SER B 111 6.00 -8.31 10.19
CA SER B 111 5.49 -9.68 10.14
C SER B 111 6.60 -10.72 10.25
N ALA B 112 7.72 -10.32 10.86
CA ALA B 112 8.84 -11.24 11.02
C ALA B 112 8.92 -11.80 12.43
N LEU B 113 8.45 -11.01 13.41
CA LEU B 113 8.46 -11.42 14.81
C LEU B 113 8.50 -12.94 15.02
N ALA B 114 9.68 -13.46 15.33
CA ALA B 114 9.85 -14.88 15.60
C ALA B 114 10.20 -15.02 17.07
N PRO B 115 10.13 -16.24 17.62
CA PRO B 115 10.44 -16.45 19.04
C PRO B 115 11.75 -15.77 19.46
N GLY B 116 11.77 -15.22 20.67
CA GLY B 116 12.95 -14.54 21.14
C GLY B 116 13.02 -13.18 20.48
N ALA B 117 11.84 -12.62 20.21
CA ALA B 117 11.74 -11.32 19.56
C ALA B 117 11.97 -10.21 20.58
N PHE B 118 12.54 -10.59 21.72
CA PHE B 118 12.84 -9.62 22.76
C PHE B 118 13.37 -10.34 23.99
N ASP B 119 13.85 -9.55 24.96
CA ASP B 119 14.42 -10.10 26.18
C ASP B 119 13.37 -10.38 27.26
N PRO B 120 13.04 -11.66 27.46
CA PRO B 120 12.08 -12.15 28.43
C PRO B 120 12.16 -11.46 29.80
N ASP B 121 13.32 -10.88 30.12
CA ASP B 121 13.48 -10.19 31.40
C ASP B 121 12.70 -8.87 31.34
N TYR B 122 12.06 -8.63 30.19
CA TYR B 122 11.26 -7.44 29.95
C TYR B 122 9.97 -7.61 30.76
N LEU B 123 9.39 -8.80 30.63
CA LEU B 123 8.14 -9.20 31.28
C LEU B 123 8.15 -9.31 32.80
N GLU B 124 9.33 -9.18 33.40
CA GLU B 124 9.42 -9.29 34.85
C GLU B 124 8.64 -8.21 35.57
N GLY B 125 7.79 -8.63 36.50
CA GLY B 125 6.96 -7.72 37.27
C GLY B 125 5.68 -7.33 36.57
N VAL B 126 5.65 -7.58 35.25
CA VAL B 126 4.52 -7.26 34.40
C VAL B 126 3.24 -8.00 34.80
N ARG B 127 2.12 -7.26 34.84
CA ARG B 127 0.80 -7.81 35.19
C ARG B 127 0.22 -8.60 34.02
N PHE B 128 0.18 -7.97 32.85
CA PHE B 128 -0.37 -8.60 31.66
C PHE B 128 0.54 -8.65 30.46
N LEU B 129 0.10 -9.48 29.52
CA LEU B 129 0.77 -9.68 28.25
C LEU B 129 -0.33 -9.89 27.22
N HIS B 130 -0.75 -8.80 26.57
CA HIS B 130 -1.80 -8.89 25.57
C HIS B 130 -1.32 -9.10 24.15
N LEU B 131 -1.91 -10.10 23.51
CA LEU B 131 -1.60 -10.44 22.12
C LEU B 131 -2.94 -10.56 21.42
N SER B 132 -2.93 -10.60 20.09
CA SER B 132 -4.17 -10.70 19.32
C SER B 132 -4.02 -11.76 18.24
N GLY B 133 -5.13 -12.43 17.94
CA GLY B 133 -5.11 -13.47 16.94
C GLY B 133 -4.51 -13.11 15.59
N ILE B 134 -4.50 -11.83 15.24
CA ILE B 134 -3.96 -11.41 13.96
C ILE B 134 -2.50 -11.80 13.79
N THR B 135 -1.69 -11.53 14.83
CA THR B 135 -0.26 -11.83 14.81
C THR B 135 0.08 -13.24 14.32
N PRO B 136 -0.32 -14.29 15.08
CA PRO B 136 -0.02 -15.67 14.64
C PRO B 136 -0.52 -16.02 13.24
N ALA B 137 -1.47 -15.24 12.74
CA ALA B 137 -2.03 -15.48 11.42
C ALA B 137 -1.16 -14.84 10.37
N LEU B 138 -0.13 -14.12 10.82
CA LEU B 138 0.79 -13.39 9.95
C LEU B 138 1.91 -14.20 9.30
N SER B 139 2.73 -14.85 10.11
CA SER B 139 3.82 -15.66 9.58
C SER B 139 4.13 -16.82 10.47
N PRO B 140 4.60 -17.95 9.89
CA PRO B 140 4.92 -19.11 10.69
C PRO B 140 5.73 -18.66 11.91
N GLU B 141 6.65 -17.73 11.67
CA GLU B 141 7.48 -17.17 12.73
C GLU B 141 6.56 -16.50 13.76
N ALA B 142 5.61 -15.73 13.25
CA ALA B 142 4.65 -15.03 14.10
C ALA B 142 3.88 -16.00 15.00
N ARG B 143 3.37 -17.07 14.39
CA ARG B 143 2.62 -18.08 15.12
C ARG B 143 3.52 -18.68 16.21
N ALA B 144 4.78 -18.87 15.85
CA ALA B 144 5.76 -19.42 16.79
C ALA B 144 5.99 -18.43 17.92
N PHE B 145 6.00 -17.15 17.53
CA PHE B 145 6.21 -16.05 18.45
C PHE B 145 5.13 -15.96 19.53
N SER B 146 3.87 -15.98 19.11
CA SER B 146 2.73 -15.90 20.01
C SER B 146 2.88 -16.85 21.18
N LEU B 147 2.85 -18.14 20.86
CA LEU B 147 2.98 -19.20 21.83
C LEU B 147 4.17 -18.95 22.75
N TRP B 148 5.36 -18.85 22.16
CA TRP B 148 6.55 -18.60 22.97
C TRP B 148 6.31 -17.47 23.97
N ALA B 149 5.76 -16.37 23.47
CA ALA B 149 5.50 -15.19 24.28
C ALA B 149 4.81 -15.53 25.60
N MET B 150 3.52 -15.84 25.52
CA MET B 150 2.73 -16.17 26.71
C MET B 150 3.48 -17.12 27.65
N GLU B 151 4.10 -18.15 27.07
CA GLU B 151 4.85 -19.11 27.87
C GLU B 151 5.85 -18.37 28.75
N GLU B 152 6.69 -17.55 28.11
CA GLU B 152 7.71 -16.79 28.81
C GLU B 152 7.15 -15.78 29.82
N ALA B 153 5.88 -15.41 29.63
CA ALA B 153 5.19 -14.46 30.50
C ALA B 153 4.66 -15.20 31.71
N LYS B 154 4.00 -16.32 31.45
CA LYS B 154 3.44 -17.12 32.53
C LYS B 154 4.62 -17.56 33.40
N ARG B 155 5.73 -17.93 32.74
CA ARG B 155 6.93 -18.35 33.45
C ARG B 155 7.34 -17.26 34.44
N ARG B 156 6.97 -16.02 34.13
CA ARG B 156 7.28 -14.87 35.00
C ARG B 156 6.08 -14.54 35.89
N GLY B 157 5.03 -15.33 35.76
CA GLY B 157 3.83 -15.12 36.55
C GLY B 157 2.99 -13.97 36.06
N VAL B 158 3.10 -13.66 34.77
CA VAL B 158 2.35 -12.58 34.16
C VAL B 158 1.11 -13.13 33.45
N ARG B 159 -0.06 -12.61 33.81
CA ARG B 159 -1.32 -13.03 33.23
C ARG B 159 -1.38 -12.80 31.72
N VAL B 160 -1.93 -13.77 30.99
CA VAL B 160 -2.03 -13.69 29.54
C VAL B 160 -3.41 -13.30 29.01
N SER B 161 -3.55 -12.02 28.65
CA SER B 161 -4.79 -11.51 28.10
C SER B 161 -4.71 -11.60 26.59
N LEU B 162 -5.70 -12.24 25.98
CA LEU B 162 -5.71 -12.36 24.53
C LEU B 162 -7.05 -11.98 23.92
N ASP B 163 -6.98 -11.43 22.71
CA ASP B 163 -8.18 -11.03 21.97
C ASP B 163 -8.16 -11.79 20.65
N VAL B 164 -9.22 -12.55 20.42
CA VAL B 164 -9.34 -13.33 19.22
C VAL B 164 -9.08 -12.51 17.98
N ASN B 165 -9.97 -11.57 17.69
CA ASN B 165 -9.81 -10.73 16.51
C ASN B 165 -9.62 -11.54 15.25
N TYR B 166 -10.51 -12.49 15.02
CA TYR B 166 -10.42 -13.32 13.83
C TYR B 166 -10.54 -12.45 12.59
N ARG B 167 -9.67 -12.71 11.62
CA ARG B 167 -9.68 -11.97 10.37
C ARG B 167 -9.73 -13.00 9.24
N GLN B 168 -10.79 -12.91 8.43
CA GLN B 168 -11.01 -13.83 7.33
C GLN B 168 -9.89 -13.83 6.28
N THR B 169 -9.42 -12.64 5.91
CA THR B 169 -8.35 -12.51 4.93
C THR B 169 -7.10 -13.28 5.33
N LEU B 170 -6.62 -13.03 6.55
CA LEU B 170 -5.40 -13.65 7.07
C LEU B 170 -5.35 -15.18 7.27
N TRP B 171 -6.50 -15.84 7.40
CA TRP B 171 -6.55 -17.30 7.55
C TRP B 171 -7.97 -17.82 7.72
N SER B 172 -8.12 -19.14 7.56
CA SER B 172 -9.42 -19.79 7.66
C SER B 172 -9.85 -20.06 9.10
N PRO B 173 -11.15 -20.34 9.30
CA PRO B 173 -11.73 -20.63 10.61
C PRO B 173 -11.06 -21.83 11.28
N GLU B 174 -10.69 -22.81 10.47
CA GLU B 174 -10.03 -24.02 10.98
C GLU B 174 -8.73 -23.68 11.68
N GLU B 175 -7.75 -23.22 10.89
CA GLU B 175 -6.43 -22.85 11.39
C GLU B 175 -6.57 -21.95 12.61
N ALA B 176 -7.65 -21.19 12.65
CA ALA B 176 -7.95 -20.28 13.75
C ALA B 176 -8.16 -21.09 15.03
N ARG B 177 -9.15 -21.99 15.00
CA ARG B 177 -9.44 -22.84 16.15
C ARG B 177 -8.20 -23.65 16.50
N GLY B 178 -7.54 -24.17 15.47
CA GLY B 178 -6.33 -24.96 15.67
C GLY B 178 -5.40 -24.21 16.61
N PHE B 179 -5.19 -22.93 16.31
CA PHE B 179 -4.34 -22.08 17.13
C PHE B 179 -4.93 -21.96 18.53
N LEU B 180 -6.20 -21.61 18.59
CA LEU B 180 -6.92 -21.46 19.84
C LEU B 180 -6.77 -22.70 20.75
N GLU B 181 -7.19 -23.85 20.24
CA GLU B 181 -7.10 -25.12 20.96
C GLU B 181 -5.73 -25.27 21.59
N ARG B 182 -4.71 -24.79 20.88
CA ARG B 182 -3.31 -24.89 21.31
C ARG B 182 -2.88 -23.90 22.39
N ALA B 183 -3.14 -22.62 22.14
CA ALA B 183 -2.72 -21.58 23.08
C ALA B 183 -3.68 -21.26 24.22
N LEU B 184 -4.89 -21.83 24.20
CA LEU B 184 -5.86 -21.53 25.26
C LEU B 184 -5.38 -21.85 26.68
N PRO B 185 -4.62 -22.94 26.84
CA PRO B 185 -4.09 -23.37 28.15
C PRO B 185 -3.39 -22.28 28.99
N GLY B 186 -2.72 -21.34 28.33
CA GLY B 186 -2.03 -20.28 29.04
C GLY B 186 -2.79 -18.95 29.08
N VAL B 187 -3.88 -18.87 28.32
CA VAL B 187 -4.68 -17.65 28.26
C VAL B 187 -5.56 -17.39 29.47
N ASP B 188 -5.11 -16.50 30.33
CA ASP B 188 -5.87 -16.15 31.52
C ASP B 188 -7.12 -15.34 31.18
N LEU B 189 -7.06 -14.59 30.08
CA LEU B 189 -8.18 -13.74 29.67
C LEU B 189 -8.37 -13.78 28.15
N LEU B 190 -9.59 -14.03 27.73
CA LEU B 190 -9.88 -14.09 26.30
C LEU B 190 -10.96 -13.12 25.90
N PHE B 191 -10.68 -12.33 24.86
CA PHE B 191 -11.63 -11.36 24.33
C PHE B 191 -12.15 -11.92 23.02
N LEU B 192 -13.46 -11.93 22.86
CA LEU B 192 -14.09 -12.47 21.66
C LEU B 192 -15.32 -11.67 21.28
N SER B 193 -15.56 -11.51 19.98
CA SER B 193 -16.73 -10.79 19.51
C SER B 193 -17.78 -11.84 19.15
N GLU B 194 -19.05 -11.44 19.18
CA GLU B 194 -20.13 -12.37 18.87
C GLU B 194 -20.08 -12.96 17.47
N GLU B 195 -19.82 -12.14 16.47
CA GLU B 195 -19.75 -12.63 15.08
C GLU B 195 -18.69 -13.72 14.99
N GLU B 196 -17.52 -13.44 15.57
CA GLU B 196 -16.39 -14.36 15.58
C GLU B 196 -16.81 -15.70 16.16
N ALA B 197 -17.50 -15.65 17.29
CA ALA B 197 -17.98 -16.86 17.96
C ALA B 197 -18.85 -17.72 17.05
N GLU B 198 -19.67 -17.06 16.21
CA GLU B 198 -20.57 -17.75 15.29
C GLU B 198 -19.97 -18.00 13.91
N LEU B 199 -18.76 -17.50 13.67
CA LEU B 199 -18.12 -17.67 12.38
C LEU B 199 -17.03 -18.74 12.43
N LEU B 200 -16.54 -19.01 13.63
CA LEU B 200 -15.49 -20.01 13.84
C LEU B 200 -16.03 -21.20 14.62
N PHE B 201 -17.26 -21.07 15.13
CA PHE B 201 -17.86 -22.14 15.89
C PHE B 201 -19.30 -22.38 15.48
N GLY B 202 -19.92 -21.35 14.92
CA GLY B 202 -21.30 -21.46 14.50
C GLY B 202 -22.24 -20.78 15.48
N ARG B 203 -22.26 -21.27 16.71
CA ARG B 203 -23.11 -20.68 17.73
C ARG B 203 -22.29 -20.26 18.93
N VAL B 204 -22.48 -19.01 19.33
CA VAL B 204 -21.78 -18.44 20.46
C VAL B 204 -21.56 -19.51 21.52
N GLU B 205 -22.63 -20.27 21.78
CA GLU B 205 -22.60 -21.32 22.79
C GLU B 205 -21.39 -22.23 22.67
N GLU B 206 -21.35 -23.06 21.62
CA GLU B 206 -20.22 -23.98 21.49
C GLU B 206 -18.91 -23.23 21.60
N ALA B 207 -18.86 -22.05 20.99
CA ALA B 207 -17.65 -21.26 21.05
C ALA B 207 -17.22 -21.13 22.50
N LEU B 208 -18.17 -20.78 23.37
CA LEU B 208 -17.94 -20.58 24.79
C LEU B 208 -17.55 -21.79 25.64
N ARG B 209 -17.78 -23.00 25.15
CA ARG B 209 -17.43 -24.19 25.91
C ARG B 209 -16.01 -24.62 25.54
N ALA B 210 -15.77 -24.76 24.24
CA ALA B 210 -14.44 -25.14 23.78
C ALA B 210 -13.42 -24.16 24.36
N LEU B 211 -13.66 -22.87 24.13
CA LEU B 211 -12.78 -21.81 24.59
C LEU B 211 -13.08 -21.38 26.03
N SER B 212 -12.67 -22.19 27.00
CA SER B 212 -12.92 -21.85 28.38
C SER B 212 -11.67 -21.40 29.10
N ALA B 213 -11.55 -20.10 29.30
CA ALA B 213 -10.40 -19.55 30.00
C ALA B 213 -10.92 -19.03 31.34
N PRO B 214 -10.02 -18.84 32.32
CA PRO B 214 -10.44 -18.34 33.63
C PRO B 214 -11.46 -17.20 33.53
N GLU B 215 -11.17 -16.26 32.63
CA GLU B 215 -12.02 -15.09 32.43
C GLU B 215 -12.21 -14.85 30.93
N VAL B 216 -13.47 -14.74 30.52
CA VAL B 216 -13.77 -14.53 29.11
C VAL B 216 -14.78 -13.40 28.89
N VAL B 217 -14.44 -12.47 27.98
CA VAL B 217 -15.30 -11.33 27.69
C VAL B 217 -15.81 -11.36 26.25
N LEU B 218 -17.13 -11.37 26.11
CA LEU B 218 -17.78 -11.40 24.81
C LEU B 218 -18.31 -10.03 24.39
N LYS B 219 -17.72 -9.47 23.34
CA LYS B 219 -18.12 -8.18 22.81
C LYS B 219 -19.33 -8.42 21.93
N ARG B 220 -20.47 -7.89 22.36
CA ARG B 220 -21.72 -8.06 21.65
C ARG B 220 -22.16 -6.82 20.88
N GLY B 221 -21.20 -6.13 20.28
CA GLY B 221 -21.51 -4.93 19.52
C GLY B 221 -22.08 -3.83 20.39
N ALA B 222 -23.17 -3.23 19.94
CA ALA B 222 -23.82 -2.16 20.69
C ALA B 222 -24.59 -2.70 21.88
N LYS B 223 -24.90 -4.00 21.88
CA LYS B 223 -25.62 -4.62 22.99
C LYS B 223 -24.69 -4.81 24.18
N GLY B 224 -23.65 -3.96 24.27
CA GLY B 224 -22.69 -4.04 25.36
C GLY B 224 -21.72 -5.22 25.27
N ALA B 225 -21.60 -5.97 26.37
CA ALA B 225 -20.74 -7.15 26.42
C ALA B 225 -21.01 -8.03 27.64
N TRP B 226 -20.45 -9.25 27.65
CA TRP B 226 -20.60 -10.18 28.77
C TRP B 226 -19.26 -10.63 29.32
N ALA B 227 -19.02 -10.44 30.61
CA ALA B 227 -17.77 -10.88 31.22
C ALA B 227 -18.02 -12.16 32.03
N PHE B 228 -17.20 -13.19 31.82
CA PHE B 228 -17.36 -14.46 32.54
C PHE B 228 -16.25 -14.74 33.55
N VAL B 229 -16.55 -14.49 34.82
CA VAL B 229 -15.60 -14.72 35.90
C VAL B 229 -16.28 -15.49 37.04
N ASP B 230 -15.58 -16.51 37.55
CA ASP B 230 -16.10 -17.34 38.64
C ASP B 230 -17.41 -18.04 38.31
N GLY B 231 -17.57 -18.52 37.07
CA GLY B 231 -18.79 -19.19 36.70
C GLY B 231 -19.92 -18.18 36.61
N ARG B 232 -19.74 -17.10 37.36
CA ARG B 232 -20.68 -16.00 37.43
C ARG B 232 -20.57 -15.29 36.09
N ARG B 233 -21.70 -14.82 35.57
CA ARG B 233 -21.66 -14.11 34.30
C ARG B 233 -22.18 -12.68 34.41
N VAL B 234 -21.32 -11.71 34.12
CA VAL B 234 -21.70 -10.31 34.19
C VAL B 234 -22.01 -9.77 32.80
N GLU B 235 -22.84 -8.72 32.76
CA GLU B 235 -23.25 -8.09 31.53
C GLU B 235 -22.95 -6.59 31.59
N GLY B 236 -22.54 -6.02 30.47
CA GLY B 236 -22.23 -4.60 30.43
C GLY B 236 -23.04 -3.83 29.40
N SER B 237 -23.55 -2.68 29.81
CA SER B 237 -24.35 -1.84 28.91
C SER B 237 -23.44 -1.05 27.98
N ALA B 238 -23.73 -1.07 26.68
CA ALA B 238 -22.91 -0.33 25.72
C ALA B 238 -23.30 1.14 25.71
N PHE B 239 -22.32 2.01 25.52
CA PHE B 239 -22.57 3.45 25.47
C PHE B 239 -23.20 3.78 24.13
N ALA B 240 -24.38 4.39 24.16
CA ALA B 240 -25.07 4.74 22.93
C ALA B 240 -24.43 5.96 22.29
N VAL B 241 -23.84 5.76 21.12
CA VAL B 241 -23.20 6.85 20.39
C VAL B 241 -23.21 6.53 18.90
N GLU B 242 -23.22 7.57 18.06
CA GLU B 242 -23.23 7.36 16.61
C GLU B 242 -21.88 6.78 16.20
N ALA B 243 -21.92 5.57 15.62
CA ALA B 243 -20.73 4.86 15.20
C ALA B 243 -20.04 5.39 13.95
N VAL B 244 -19.01 6.21 14.17
CA VAL B 244 -18.23 6.82 13.09
C VAL B 244 -17.45 5.73 12.33
N ASP B 245 -16.41 5.20 12.96
CA ASP B 245 -15.63 4.14 12.34
C ASP B 245 -15.44 3.12 13.44
N PRO B 246 -16.18 2.01 13.36
CA PRO B 246 -16.15 0.92 14.33
C PRO B 246 -14.82 0.20 14.42
N VAL B 247 -13.86 0.61 13.59
CA VAL B 247 -12.54 -0.02 13.60
C VAL B 247 -11.71 0.42 14.79
N GLY B 248 -11.15 -0.55 15.51
CA GLY B 248 -10.33 -0.22 16.67
C GLY B 248 -11.13 -0.25 17.94
N ALA B 249 -12.46 -0.27 17.82
CA ALA B 249 -13.36 -0.28 18.98
C ALA B 249 -13.10 -1.46 19.91
N GLY B 250 -12.92 -2.65 19.33
CA GLY B 250 -12.68 -3.85 20.12
C GLY B 250 -11.41 -3.81 20.96
N ASP B 251 -10.37 -3.22 20.38
CA ASP B 251 -9.09 -3.12 21.07
C ASP B 251 -9.21 -2.14 22.22
N ALA B 252 -9.95 -1.07 21.99
CA ALA B 252 -10.16 -0.07 23.00
C ALA B 252 -10.94 -0.71 24.13
N PHE B 253 -11.85 -1.60 23.73
CA PHE B 253 -12.70 -2.35 24.66
C PHE B 253 -11.78 -3.20 25.54
N ALA B 254 -10.88 -3.92 24.89
CA ALA B 254 -9.91 -4.79 25.56
C ALA B 254 -8.99 -3.95 26.44
N ALA B 255 -8.53 -2.82 25.91
CA ALA B 255 -7.65 -1.94 26.64
C ALA B 255 -8.35 -1.40 27.89
N GLY B 256 -9.62 -1.04 27.72
CA GLY B 256 -10.39 -0.53 28.83
C GLY B 256 -10.55 -1.56 29.93
N TYR B 257 -10.74 -2.83 29.54
CA TYR B 257 -10.89 -3.88 30.53
C TYR B 257 -9.59 -4.05 31.32
N LEU B 258 -8.50 -4.28 30.60
CA LEU B 258 -7.18 -4.46 31.20
C LEU B 258 -6.83 -3.35 32.21
N ALA B 259 -7.17 -2.10 31.90
CA ALA B 259 -6.88 -1.01 32.80
C ALA B 259 -7.72 -1.22 34.04
N GLY B 260 -8.92 -1.77 33.84
CA GLY B 260 -9.81 -2.04 34.94
C GLY B 260 -9.18 -3.02 35.91
N ALA B 261 -8.75 -4.16 35.37
CA ALA B 261 -8.10 -5.19 36.16
C ALA B 261 -6.83 -4.64 36.79
N VAL B 262 -5.90 -4.17 35.97
CA VAL B 262 -4.65 -3.60 36.48
C VAL B 262 -4.93 -2.69 37.68
N TRP B 263 -5.98 -1.88 37.59
CA TRP B 263 -6.30 -0.97 38.69
C TRP B 263 -7.10 -1.67 39.78
N GLY B 264 -7.20 -2.98 39.67
CA GLY B 264 -7.92 -3.78 40.65
C GLY B 264 -9.37 -3.37 40.73
N LEU B 265 -10.06 -3.44 39.60
CA LEU B 265 -11.45 -3.04 39.52
C LEU B 265 -12.44 -4.20 39.52
N PRO B 266 -13.61 -3.97 40.15
CA PRO B 266 -14.69 -4.95 40.24
C PRO B 266 -15.16 -5.24 38.81
N VAL B 267 -15.42 -6.51 38.51
CA VAL B 267 -15.87 -6.92 37.17
C VAL B 267 -16.87 -5.97 36.47
N GLU B 268 -17.60 -5.18 37.25
CA GLU B 268 -18.57 -4.25 36.68
C GLU B 268 -17.89 -2.98 36.20
N GLU B 269 -17.02 -2.43 37.03
CA GLU B 269 -16.30 -1.23 36.71
C GLU B 269 -15.28 -1.49 35.61
N ARG B 270 -14.91 -2.76 35.45
CA ARG B 270 -13.97 -3.16 34.42
C ARG B 270 -14.72 -3.24 33.10
N LEU B 271 -16.00 -3.61 33.17
CA LEU B 271 -16.82 -3.70 31.98
C LEU B 271 -17.25 -2.28 31.59
N ARG B 272 -17.74 -1.50 32.55
CA ARG B 272 -18.17 -0.14 32.29
C ARG B 272 -17.03 0.60 31.56
N LEU B 273 -15.82 0.49 32.11
CA LEU B 273 -14.65 1.14 31.53
C LEU B 273 -14.37 0.64 30.10
N ALA B 274 -14.45 -0.67 29.88
CA ALA B 274 -14.23 -1.24 28.55
C ALA B 274 -15.20 -0.67 27.51
N ASN B 275 -16.51 -0.70 27.82
CA ASN B 275 -17.53 -0.19 26.92
C ASN B 275 -17.33 1.29 26.63
N LEU B 276 -16.75 1.98 27.59
CA LEU B 276 -16.49 3.40 27.43
C LEU B 276 -15.43 3.65 26.38
N LEU B 277 -14.28 2.99 26.53
CA LEU B 277 -13.21 3.17 25.56
C LEU B 277 -13.64 2.71 24.18
N GLY B 278 -14.49 1.69 24.14
CA GLY B 278 -14.95 1.18 22.85
C GLY B 278 -15.93 2.11 22.16
N ALA B 279 -16.66 2.90 22.96
CA ALA B 279 -17.62 3.85 22.41
C ALA B 279 -16.88 5.08 21.88
N SER B 280 -15.75 5.39 22.50
CA SER B 280 -14.95 6.53 22.08
C SER B 280 -14.33 6.26 20.72
N VAL B 281 -13.69 5.10 20.60
CA VAL B 281 -13.05 4.70 19.36
C VAL B 281 -14.06 4.55 18.24
N ALA B 282 -15.22 4.01 18.57
CA ALA B 282 -16.28 3.84 17.58
C ALA B 282 -16.83 5.21 17.17
N ALA B 283 -16.92 6.12 18.14
CA ALA B 283 -17.43 7.47 17.89
C ALA B 283 -16.45 8.42 17.17
N SER B 284 -15.28 7.91 16.78
CA SER B 284 -14.29 8.76 16.09
C SER B 284 -13.70 8.13 14.84
N ARG B 285 -12.83 8.89 14.18
CA ARG B 285 -12.17 8.40 12.98
C ARG B 285 -10.86 7.73 13.36
N GLY B 286 -10.26 7.04 12.39
CA GLY B 286 -9.01 6.37 12.65
C GLY B 286 -9.19 5.08 13.42
N ASP B 287 -8.07 4.45 13.74
CA ASP B 287 -8.09 3.18 14.44
C ASP B 287 -8.10 3.32 15.97
N HIS B 288 -7.53 4.40 16.49
CA HIS B 288 -7.49 4.57 17.94
C HIS B 288 -7.46 6.03 18.31
N GLU B 289 -7.81 6.89 17.35
CA GLU B 289 -7.78 8.31 17.62
C GLU B 289 -8.65 8.69 18.81
N GLY B 290 -9.83 8.07 18.92
CA GLY B 290 -10.75 8.40 19.99
C GLY B 290 -10.46 7.88 21.41
N ALA B 291 -9.31 7.27 21.61
CA ALA B 291 -8.93 6.74 22.92
C ALA B 291 -8.87 7.85 23.98
N PRO B 292 -9.63 7.71 25.07
CA PRO B 292 -9.56 8.78 26.08
C PRO B 292 -8.28 8.79 26.91
N TYR B 293 -8.07 9.89 27.61
CA TYR B 293 -6.92 10.06 28.46
C TYR B 293 -7.49 9.99 29.87
N ARG B 294 -6.69 9.51 30.83
CA ARG B 294 -7.14 9.37 32.22
C ARG B 294 -7.92 10.56 32.78
N GLU B 295 -7.35 11.76 32.66
CA GLU B 295 -7.97 12.98 33.17
C GLU B 295 -9.41 13.16 32.66
N ASP B 296 -9.80 12.37 31.66
CA ASP B 296 -11.14 12.46 31.08
C ASP B 296 -12.08 11.46 31.74
N LEU B 297 -11.51 10.40 32.30
CA LEU B 297 -12.30 9.34 32.90
C LEU B 297 -13.37 9.76 33.89
N GLU B 298 -12.97 10.50 34.92
CA GLU B 298 -13.93 10.93 35.93
C GLU B 298 -15.25 11.45 35.37
N VAL B 299 -15.17 12.39 34.44
CA VAL B 299 -16.35 13.01 33.85
C VAL B 299 -17.16 12.10 32.91
N LEU B 300 -16.76 10.86 32.76
CA LEU B 300 -17.50 9.97 31.87
C LEU B 300 -18.31 8.93 32.64
N LEU B 301 -19.63 8.98 32.48
CA LEU B 301 -20.58 8.08 33.17
C LEU B 301 -19.90 6.95 33.94
N LYS B 302 -19.30 6.06 33.29
O1B KDG C . 7.06 7.20 -15.53
C1 KDG C . 6.15 7.43 -14.45
C2 KDG C . 6.06 6.17 -13.63
O2 KDG C . 7.29 6.00 -12.97
C3 KDG C . 4.89 6.20 -12.62
O3 KDG C . 3.64 6.49 -13.27
C4 KDG C . 4.76 4.86 -11.89
O5 KDG C . 4.98 3.33 -13.74
C5 KDG C . 5.37 3.66 -12.63
C6 KDG C . 6.49 2.86 -11.95
O6A KDG C . 7.39 3.46 -11.33
O6B KDG C . 6.47 1.62 -12.06
PB ADP D . 11.81 11.60 -16.42
O1B ADP D . 12.70 11.99 -15.38
O2B ADP D . 12.17 10.26 -16.82
O3B ADP D . 10.29 11.62 -15.89
PA ADP D . 12.83 13.90 -17.46
O1A ADP D . 14.23 13.59 -17.64
O2A ADP D . 12.64 14.45 -16.12
O3A ADP D . 11.94 12.57 -17.68
O5' ADP D . 12.44 14.97 -18.45
C5' ADP D . 11.98 14.46 -19.51
C4' ADP D . 11.17 15.38 -20.37
O4' ADP D . 10.15 15.91 -19.48
C3' ADP D . 12.18 16.40 -20.69
O3' ADP D . 12.98 16.17 -21.84
C2' ADP D . 11.31 17.67 -20.66
O2' ADP D . 10.79 17.93 -21.96
C1' ADP D . 10.16 17.38 -19.62
N9 ADP D . 10.37 18.02 -18.28
C8 ADP D . 10.70 17.44 -17.03
N7 ADP D . 10.80 18.30 -16.06
C5 ADP D . 10.54 19.51 -16.70
C6 ADP D . 10.48 20.89 -16.24
N6 ADP D . 10.72 21.21 -14.98
N1 ADP D . 10.18 21.89 -17.16
C2 ADP D . 9.95 21.59 -18.45
N3 ADP D . 9.97 20.35 -19.01
C4 ADP D . 10.27 19.35 -18.05
O1B KDG E . -8.97 -3.88 15.46
C1 KDG E . -8.22 -2.85 14.82
C2 KDG E . -7.07 -3.46 14.02
O2 KDG E . -7.55 -4.70 13.53
C3 KDG E . -6.65 -2.51 12.86
O3 KDG E . -6.27 -1.27 13.42
C4 KDG E . -5.45 -3.02 12.01
O5 KDG E . -4.51 -5.03 12.93
C5 KDG E . -5.22 -4.54 12.04
C6 KDG E . -5.85 -5.41 10.96
O6A KDG E . -7.10 -5.53 10.93
O6B KDG E . -5.12 -5.97 10.14
PB ADP F . -14.84 -5.24 17.09
O1B ADP F . -15.73 -5.13 15.99
O2B ADP F . -14.20 -6.54 16.99
O3B ADP F . -13.73 -4.09 17.00
PA ADP F . -17.18 -4.75 18.43
O1A ADP F . -17.98 -5.93 18.37
O2A ADP F . -17.49 -3.92 17.26
O3A ADP F . -15.61 -5.15 18.48
O5' ADP F . -17.57 -3.96 19.64
C5' ADP F . -16.75 -4.16 20.59
C4' ADP F . -16.89 -3.25 21.76
O4' ADP F . -16.82 -1.93 21.18
C3' ADP F . -18.27 -3.59 22.16
O3' ADP F . -18.41 -4.60 23.15
C2' ADP F . -18.82 -2.19 22.51
O2' ADP F . -18.66 -1.92 23.89
C1' ADP F . -17.99 -1.18 21.64
N9 ADP F . -18.73 -0.64 20.46
C8 ADP F . -18.61 -0.93 19.08
N7 ADP F . -19.43 -0.25 18.32
C5 ADP F . -20.12 0.52 19.25
C6 ADP F . -21.18 1.51 19.12
N6 ADP F . -21.69 1.83 17.95
N1 ADP F . -21.66 2.11 20.28
C2 ADP F . -21.16 1.79 21.47
N3 ADP F . -20.18 0.89 21.73
C4 ADP F . -19.69 0.29 20.54
#